data_6PP9
#
_entry.id   6PP9
#
_cell.length_a   116.697
_cell.length_b   116.697
_cell.length_c   130.944
_cell.angle_alpha   90.000
_cell.angle_beta   90.000
_cell.angle_gamma   120.000
#
_symmetry.space_group_name_H-M   'P 31 2 1'
#
loop_
_entity.id
_entity.type
_entity.pdbx_description
1 polymer 'Serine/threonine-protein kinase B-raf'
2 polymer 'Dual specificity mitogen-activated protein kinase kinase 1'
3 non-polymer 'PHOSPHOAMINOPHOSPHONIC ACID-ADENYLATE ESTER'
4 non-polymer 'MAGNESIUM ION'
5 non-polymer 'CHLORIDE ION'
6 non-polymer 5-[(2-fluoro-4-iodophenyl)amino]-N-(2-hydroxyethoxy)imidazo[1,5-a]pyridine-6-carboxamide
7 non-polymer 'SULFATE ION'
8 non-polymer GLYCEROL
9 water water
#
loop_
_entity_poly.entity_id
_entity_poly.type
_entity_poly.pdbx_seq_one_letter_code
_entity_poly.pdbx_strand_id
1 'polypeptide(L)'
;GGGRDSSDDWEIPDGQITVGQRIGSGSFGTVYKGKWHGDVAVKMLNVTAPTPQQLQAFKNEVGVLRKTRHVNILLFMGYS
TKPQLAIVTQWCEGSSLYHHLHIIETKFEMIKLIDIARQTAQGMDYLHAKSIIHRDLKSNNIFLHEDLTVKIGDFGLATV
KSRWSGSHQFEQLSGSILWMAPEVIRMQDKNPYSFQSDVYAFGIVLYELMTGQLPYSNINNRDQIIFMVGRGYLSPDLSK
VRSNCPKAMKRLMAECLKKKRDERPLFPQILASIELLARSLPK
;
A
2 'polypeptide(L)'
;GGGRMPKKKPTPIQLNPAPDGSAVNGTSSAETNLEALQKKLEELELDEQQRKRLEAFLTQKQKVGELKDDDFEKISELGA
GNGGVVFKVSHKPSGLVMARKLIHLEIKPAIRNQIIRELQVLHECNSPYIVGFYGAFYSDGEISICMEHMDGGSLDQVLK
KAGRIPEQILGKVSIAVIKGLTYLREKHKIMHRDVKPSNILVNSRGEIKLCDFGVSGQLIDAMANAFVGTRSYMSPERLQ
GTHYSVQSDIWSMGLSLVEMAVGRYPIPPPDAKELELMFGCQVEGDAAETPPRPRTPGRPLSSYGMDSRPPMAIFELLDY
IVNEPPPKLPSGVFSLEFQDFVNKCLIKNPAERADLKQLMVHAFIKRSDAEEVDFAGWLCSTIGLNQPSTPTHAAGV
;
B
#
# COMPACT_ATOMS: atom_id res chain seq x y z
N SER A 7 20.89 28.06 16.32
CA SER A 7 20.64 26.68 15.93
C SER A 7 21.94 25.97 15.57
N ASP A 8 21.82 24.70 15.18
CA ASP A 8 22.97 23.83 14.99
C ASP A 8 23.54 24.01 13.58
N ASP A 9 24.59 23.22 13.28
CA ASP A 9 25.25 23.31 11.98
C ASP A 9 24.32 22.83 10.87
N TRP A 10 24.23 23.62 9.80
CA TRP A 10 23.39 23.33 8.64
C TRP A 10 21.93 23.14 9.01
N GLU A 11 21.50 23.67 10.15
CA GLU A 11 20.10 23.70 10.52
C GLU A 11 19.50 25.04 10.09
N ILE A 12 18.33 24.99 9.48
CA ILE A 12 17.66 26.18 8.96
C ILE A 12 16.65 26.64 9.99
N PRO A 13 16.78 27.85 10.54
CA PRO A 13 15.89 28.28 11.62
C PRO A 13 14.45 28.44 11.14
N ASP A 14 13.55 28.50 12.13
CA ASP A 14 12.13 28.63 11.85
C ASP A 14 11.83 29.90 11.07
N GLY A 15 10.96 29.77 10.07
CA GLY A 15 10.54 30.92 9.29
C GLY A 15 11.50 31.35 8.21
N GLN A 16 12.53 30.55 7.92
CA GLN A 16 13.48 30.88 6.85
C GLN A 16 13.03 30.34 5.50
N ILE A 17 12.45 29.13 5.49
CA ILE A 17 11.97 28.52 4.25
C ILE A 17 10.52 28.93 4.04
N THR A 18 10.24 29.53 2.89
CA THR A 18 8.86 29.79 2.49
C THR A 18 8.31 28.52 1.87
N VAL A 19 7.50 27.79 2.64
CA VAL A 19 6.96 26.52 2.19
C VAL A 19 5.82 26.78 1.21
N GLY A 20 5.94 26.23 0.00
CA GLY A 20 4.95 26.47 -1.03
C GLY A 20 4.01 25.30 -1.26
N GLN A 21 3.94 24.84 -2.50
CA GLN A 21 2.93 23.86 -2.89
C GLN A 21 3.33 22.45 -2.49
N ARG A 22 2.32 21.63 -2.19
CA ARG A 22 2.52 20.25 -1.78
C ARG A 22 2.68 19.37 -3.03
N ILE A 23 3.77 18.63 -3.10
CA ILE A 23 4.07 17.81 -4.27
C ILE A 23 3.51 16.41 -4.12
N GLY A 24 3.81 15.74 -3.01
CA GLY A 24 3.32 14.39 -2.80
C GLY A 24 4.04 13.75 -1.64
N SER A 25 3.58 12.54 -1.31
CA SER A 25 4.12 11.76 -0.20
C SER A 25 4.82 10.52 -0.73
N GLY A 26 5.84 10.08 -0.01
CA GLY A 26 6.57 8.89 -0.38
C GLY A 26 6.54 7.82 0.70
N SER A 27 7.67 7.18 0.93
CA SER A 27 7.75 6.11 1.92
C SER A 27 8.05 6.63 3.33
N PHE A 28 8.58 7.85 3.47
CA PHE A 28 8.90 8.34 4.80
C PHE A 28 8.75 9.86 4.95
N GLY A 29 8.04 10.53 4.06
CA GLY A 29 7.88 11.96 4.19
C GLY A 29 6.96 12.51 3.12
N THR A 30 6.64 13.80 3.28
CA THR A 30 5.82 14.55 2.32
C THR A 30 6.63 15.72 1.80
N VAL A 31 6.72 15.81 0.48
CA VAL A 31 7.58 16.81 -0.18
C VAL A 31 6.77 18.05 -0.51
N TYR A 32 7.36 19.21 -0.25
CA TYR A 32 6.80 20.49 -0.65
C TYR A 32 7.83 21.26 -1.46
N LYS A 33 7.34 22.04 -2.42
CA LYS A 33 8.19 23.00 -3.10
C LYS A 33 8.37 24.21 -2.21
N GLY A 34 9.61 24.67 -2.05
CA GLY A 34 9.90 25.77 -1.16
C GLY A 34 10.91 26.72 -1.76
N LYS A 35 11.07 27.87 -1.10
CA LYS A 35 12.06 28.85 -1.48
C LYS A 35 12.96 29.16 -0.29
N TRP A 36 14.27 29.03 -0.50
CA TRP A 36 15.27 29.33 0.52
C TRP A 36 16.60 29.49 -0.22
N HIS A 37 16.98 30.74 -0.48
CA HIS A 37 18.14 31.04 -1.34
C HIS A 37 18.02 30.30 -2.66
N GLY A 38 16.85 30.39 -3.27
CA GLY A 38 16.53 29.66 -4.48
C GLY A 38 15.47 28.61 -4.24
N ASP A 39 15.20 27.82 -5.28
CA ASP A 39 14.22 26.75 -5.19
C ASP A 39 14.78 25.60 -4.36
N VAL A 40 13.94 25.04 -3.49
CA VAL A 40 14.31 23.89 -2.67
C VAL A 40 13.12 22.93 -2.61
N ALA A 41 13.44 21.68 -2.33
CA ALA A 41 12.44 20.67 -1.97
C ALA A 41 12.53 20.45 -0.47
N VAL A 42 11.40 20.60 0.21
CA VAL A 42 11.31 20.41 1.65
C VAL A 42 10.46 19.18 1.91
N LYS A 43 11.06 18.18 2.56
CA LYS A 43 10.39 16.93 2.87
C LYS A 43 10.06 16.90 4.36
N MET A 44 8.79 17.09 4.70
CA MET A 44 8.33 16.95 6.07
C MET A 44 8.36 15.48 6.45
N LEU A 45 9.26 15.10 7.34
CA LEU A 45 9.42 13.71 7.70
C LEU A 45 8.18 13.19 8.43
N ASN A 46 7.91 11.89 8.26
CA ASN A 46 6.78 11.27 8.96
C ASN A 46 7.03 11.20 10.47
N VAL A 47 8.29 11.09 10.89
CA VAL A 47 8.63 11.15 12.32
C VAL A 47 8.50 12.60 12.78
N THR A 48 7.40 12.91 13.44
CA THR A 48 7.15 14.25 13.97
C THR A 48 7.57 14.40 15.43
N ALA A 49 7.58 13.30 16.20
CA ALA A 49 7.92 13.32 17.62
C ALA A 49 9.17 12.49 17.87
N PRO A 50 10.35 13.01 17.53
CA PRO A 50 11.58 12.26 17.78
C PRO A 50 12.07 12.45 19.20
N THR A 51 12.58 11.37 19.79
CA THR A 51 13.15 11.39 21.12
C THR A 51 14.58 11.94 21.03
N PRO A 52 15.07 12.58 22.11
CA PRO A 52 16.48 13.03 22.11
C PRO A 52 17.49 12.02 21.55
N GLN A 53 17.28 10.73 21.79
CA GLN A 53 18.20 9.74 21.22
C GLN A 53 18.09 9.69 19.71
N GLN A 54 16.86 9.76 19.18
CA GLN A 54 16.69 9.71 17.73
C GLN A 54 17.14 11.03 17.08
N LEU A 55 16.84 12.16 17.71
CA LEU A 55 17.26 13.44 17.16
C LEU A 55 18.78 13.55 17.12
N GLN A 56 19.46 12.99 18.11
CA GLN A 56 20.91 13.01 18.11
C GLN A 56 21.48 12.11 17.02
N ALA A 57 20.91 10.91 16.85
CA ALA A 57 21.33 10.04 15.76
C ALA A 57 21.00 10.65 14.41
N PHE A 58 19.89 11.38 14.32
CA PHE A 58 19.54 12.06 13.07
C PHE A 58 20.52 13.19 12.77
N LYS A 59 20.89 13.97 13.80
CA LYS A 59 21.86 15.05 13.60
C LYS A 59 23.22 14.49 13.19
N ASN A 60 23.60 13.34 13.74
CA ASN A 60 24.87 12.72 13.35
C ASN A 60 24.84 12.28 11.89
N GLU A 61 23.69 11.82 11.41
CA GLU A 61 23.58 11.39 10.02
C GLU A 61 23.53 12.60 9.08
N VAL A 62 22.92 13.70 9.51
CA VAL A 62 22.92 14.92 8.70
C VAL A 62 24.36 15.40 8.49
N GLY A 63 25.19 15.29 9.54
CA GLY A 63 26.60 15.65 9.39
C GLY A 63 27.31 14.83 8.33
N VAL A 64 26.89 13.59 8.13
CA VAL A 64 27.46 12.77 7.07
C VAL A 64 26.88 13.17 5.72
N LEU A 65 25.55 13.26 5.62
CA LEU A 65 24.91 13.49 4.34
C LEU A 65 25.25 14.86 3.76
N ARG A 66 25.51 15.86 4.61
CA ARG A 66 25.77 17.20 4.12
C ARG A 66 27.16 17.34 3.48
N LYS A 67 28.04 16.37 3.68
CA LYS A 67 29.36 16.38 3.06
C LYS A 67 29.45 15.45 1.85
N THR A 68 28.34 14.88 1.42
CA THR A 68 28.29 14.05 0.22
C THR A 68 27.94 14.96 -0.94
N ARG A 69 28.98 15.48 -1.60
CA ARG A 69 28.80 16.46 -2.66
C ARG A 69 29.44 15.90 -3.93
N HIS A 70 28.62 15.72 -4.96
CA HIS A 70 29.03 15.06 -6.19
C HIS A 70 28.04 15.44 -7.28
N VAL A 71 28.51 15.47 -8.53
CA VAL A 71 27.69 15.98 -9.63
C VAL A 71 26.45 15.12 -9.84
N ASN A 72 26.51 13.84 -9.46
CA ASN A 72 25.39 12.93 -9.63
C ASN A 72 24.62 12.72 -8.34
N ILE A 73 24.85 13.53 -7.31
CA ILE A 73 24.20 13.40 -6.02
C ILE A 73 23.36 14.65 -5.78
N LEU A 74 22.07 14.44 -5.48
CA LEU A 74 21.21 15.57 -5.15
CA LEU A 74 21.21 15.57 -5.14
C LEU A 74 21.76 16.32 -3.94
N LEU A 75 21.90 17.64 -4.08
CA LEU A 75 22.53 18.44 -3.05
C LEU A 75 21.69 18.46 -1.78
N PHE A 76 22.31 18.07 -0.66
CA PHE A 76 21.69 18.17 0.65
C PHE A 76 21.92 19.58 1.18
N MET A 77 20.85 20.34 1.38
CA MET A 77 20.98 21.75 1.74
C MET A 77 20.78 22.02 3.22
N GLY A 78 20.24 21.08 3.98
CA GLY A 78 20.09 21.25 5.41
C GLY A 78 18.82 20.60 5.90
N TYR A 79 18.48 20.92 7.15
CA TYR A 79 17.32 20.32 7.79
C TYR A 79 16.67 21.36 8.71
N SER A 80 15.46 21.04 9.15
CA SER A 80 14.74 21.87 10.09
C SER A 80 14.19 21.00 11.22
N THR A 81 14.07 21.60 12.40
CA THR A 81 13.41 20.96 13.54
C THR A 81 12.13 21.68 13.96
N LYS A 82 12.05 22.99 13.70
CA LYS A 82 10.85 23.79 13.91
C LYS A 82 10.39 24.38 12.59
N PRO A 83 9.06 24.38 12.32
CA PRO A 83 7.99 23.86 13.18
C PRO A 83 7.91 22.34 13.23
N GLN A 84 8.69 21.65 12.40
CA GLN A 84 8.68 20.19 12.39
C GLN A 84 9.96 19.69 11.74
N LEU A 85 10.24 18.41 11.97
CA LEU A 85 11.40 17.78 11.37
C LEU A 85 11.28 17.77 9.86
N ALA A 86 12.33 18.21 9.17
CA ALA A 86 12.27 18.33 7.72
C ALA A 86 13.66 18.23 7.14
N ILE A 87 13.72 17.75 5.90
CA ILE A 87 14.95 17.70 5.11
C ILE A 87 14.80 18.68 3.95
N VAL A 88 15.84 19.48 3.72
CA VAL A 88 15.85 20.47 2.65
C VAL A 88 16.90 20.07 1.64
N THR A 89 16.48 19.84 0.39
CA THR A 89 17.36 19.41 -0.67
C THR A 89 17.21 20.34 -1.87
N GLN A 90 18.11 20.16 -2.84
CA GLN A 90 18.02 20.88 -4.10
C GLN A 90 16.72 20.51 -4.83
N TRP A 91 16.05 21.53 -5.37
CA TRP A 91 14.85 21.30 -6.16
C TRP A 91 15.25 20.93 -7.59
N CYS A 92 14.68 19.83 -8.09
CA CYS A 92 14.99 19.34 -9.42
C CYS A 92 13.97 19.88 -10.41
N GLU A 93 14.45 20.57 -11.44
CA GLU A 93 13.60 20.95 -12.57
C GLU A 93 13.49 19.75 -13.51
N GLY A 94 12.28 19.48 -13.96
CA GLY A 94 12.03 18.30 -14.76
C GLY A 94 11.42 17.17 -13.96
N SER A 95 11.55 15.97 -14.50
CA SER A 95 10.93 14.80 -13.93
C SER A 95 11.97 13.80 -13.46
N SER A 96 11.55 12.94 -12.54
CA SER A 96 12.38 11.81 -12.14
C SER A 96 12.42 10.77 -13.24
N LEU A 97 13.40 9.87 -13.15
CA LEU A 97 13.50 8.80 -14.13
C LEU A 97 12.25 7.94 -14.15
N TYR A 98 11.57 7.79 -13.01
CA TYR A 98 10.31 7.06 -12.97
C TYR A 98 9.25 7.74 -13.84
N HIS A 99 9.15 9.07 -13.75
CA HIS A 99 8.17 9.78 -14.56
C HIS A 99 8.50 9.69 -16.05
N HIS A 100 9.78 9.76 -16.39
CA HIS A 100 10.17 9.68 -17.80
C HIS A 100 9.84 8.32 -18.39
N LEU A 101 10.16 7.24 -17.68
CA LEU A 101 9.98 5.90 -18.23
C LEU A 101 8.52 5.45 -18.20
N HIS A 102 7.83 5.67 -17.08
CA HIS A 102 6.56 5.01 -16.83
C HIS A 102 5.35 5.93 -16.89
N ILE A 103 5.54 7.25 -16.87
CA ILE A 103 4.44 8.21 -16.94
C ILE A 103 4.45 8.98 -18.25
N ILE A 104 5.52 9.73 -18.52
CA ILE A 104 5.62 10.45 -19.78
C ILE A 104 5.92 9.49 -20.93
N GLU A 105 6.56 8.36 -20.63
CA GLU A 105 7.05 7.42 -21.64
C GLU A 105 7.98 8.13 -22.62
N THR A 106 8.99 8.81 -22.08
CA THR A 106 9.99 9.44 -22.91
C THR A 106 10.76 8.39 -23.70
N LYS A 107 10.96 8.65 -24.99
CA LYS A 107 11.63 7.71 -25.87
C LYS A 107 13.11 8.09 -25.94
N PHE A 108 13.94 7.39 -25.17
CA PHE A 108 15.38 7.56 -25.24
C PHE A 108 15.98 6.57 -26.22
N GLU A 109 17.08 6.98 -26.84
CA GLU A 109 17.87 6.03 -27.61
C GLU A 109 18.80 5.26 -26.67
N MET A 110 19.32 4.14 -27.17
CA MET A 110 20.11 3.25 -26.32
C MET A 110 21.34 3.95 -25.79
N ILE A 111 21.95 4.83 -26.60
CA ILE A 111 23.15 5.53 -26.14
C ILE A 111 22.84 6.43 -24.95
N LYS A 112 21.61 6.96 -24.88
CA LYS A 112 21.22 7.82 -23.77
C LYS A 112 20.79 7.01 -22.56
N LEU A 113 20.16 5.84 -22.76
CA LEU A 113 19.82 4.98 -21.64
C LEU A 113 21.06 4.44 -20.95
N ILE A 114 22.08 4.06 -21.74
CA ILE A 114 23.34 3.62 -21.15
C ILE A 114 23.99 4.75 -20.35
N ASP A 115 23.86 5.99 -20.84
CA ASP A 115 24.46 7.11 -20.14
C ASP A 115 23.73 7.42 -18.84
N ILE A 116 22.41 7.24 -18.82
CA ILE A 116 21.66 7.39 -17.57
C ILE A 116 22.12 6.37 -16.55
N ALA A 117 22.28 5.12 -16.98
CA ALA A 117 22.79 4.08 -16.09
C ALA A 117 24.24 4.36 -15.68
N ARG A 118 25.02 4.98 -16.56
CA ARG A 118 26.42 5.24 -16.25
C ARG A 118 26.54 6.34 -15.19
N GLN A 119 25.75 7.41 -15.32
CA GLN A 119 25.78 8.46 -14.31
C GLN A 119 25.23 7.98 -12.98
N THR A 120 24.21 7.11 -13.02
CA THR A 120 23.67 6.56 -11.78
C THR A 120 24.71 5.68 -11.09
N ALA A 121 25.40 4.81 -11.84
CA ALA A 121 26.49 4.04 -11.27
C ALA A 121 27.62 4.94 -10.77
N GLN A 122 27.83 6.07 -11.44
CA GLN A 122 28.83 7.04 -10.99
C GLN A 122 28.46 7.59 -9.62
N GLY A 123 27.21 8.04 -9.46
CA GLY A 123 26.79 8.58 -8.18
C GLY A 123 26.73 7.53 -7.09
N MET A 124 26.35 6.30 -7.45
CA MET A 124 26.30 5.22 -6.46
C MET A 124 27.71 4.81 -6.04
N ASP A 125 28.65 4.80 -6.98
CA ASP A 125 30.04 4.50 -6.63
C ASP A 125 30.58 5.52 -5.63
N TYR A 126 30.23 6.79 -5.81
CA TYR A 126 30.68 7.82 -4.88
C TYR A 126 30.06 7.61 -3.50
N LEU A 127 28.78 7.25 -3.44
CA LEU A 127 28.13 7.01 -2.15
C LEU A 127 28.80 5.86 -1.40
N HIS A 128 29.09 4.76 -2.09
CA HIS A 128 29.72 3.63 -1.43
C HIS A 128 31.18 3.90 -1.11
N ALA A 129 31.85 4.76 -1.90
CA ALA A 129 33.19 5.17 -1.55
C ALA A 129 33.21 5.91 -0.22
N LYS A 130 32.17 6.71 0.05
CA LYS A 130 32.00 7.39 1.33
C LYS A 130 31.30 6.52 2.36
N SER A 131 31.21 5.22 2.12
CA SER A 131 30.64 4.26 3.08
C SER A 131 29.20 4.61 3.45
N ILE A 132 28.42 5.01 2.47
CA ILE A 132 27.03 5.38 2.66
C ILE A 132 26.16 4.39 1.89
N ILE A 133 25.23 3.76 2.60
CA ILE A 133 24.22 2.93 1.98
C ILE A 133 23.04 3.82 1.60
N HIS A 134 22.58 3.71 0.36
CA HIS A 134 21.44 4.49 -0.08
C HIS A 134 20.16 4.05 0.62
N ARG A 135 19.91 2.76 0.68
CA ARG A 135 18.73 2.14 1.25
C ARG A 135 17.43 2.40 0.58
N ASP A 136 17.40 3.11 -0.52
CA ASP A 136 16.16 3.43 -1.13
C ASP A 136 16.28 3.77 -2.57
N LEU A 137 17.21 3.17 -3.24
CA LEU A 137 17.41 3.46 -4.65
C LEU A 137 16.22 2.99 -5.46
N LYS A 138 15.73 3.86 -6.35
CA LYS A 138 14.61 3.58 -7.23
C LYS A 138 14.55 4.71 -8.24
N SER A 139 13.87 4.45 -9.36
CA SER A 139 13.76 5.46 -10.41
C SER A 139 13.06 6.72 -9.93
N ASN A 140 12.27 6.63 -8.85
CA ASN A 140 11.67 7.81 -8.26
C ASN A 140 12.72 8.71 -7.61
N ASN A 141 13.83 8.13 -7.16
CA ASN A 141 14.91 8.87 -6.52
C ASN A 141 16.06 9.15 -7.47
N ILE A 142 15.84 8.99 -8.77
CA ILE A 142 16.80 9.37 -9.80
C ILE A 142 16.15 10.45 -10.65
N PHE A 143 16.75 11.63 -10.67
CA PHE A 143 16.22 12.77 -11.41
C PHE A 143 17.13 13.09 -12.59
N LEU A 144 16.51 13.38 -13.73
CA LEU A 144 17.25 13.88 -14.90
C LEU A 144 17.18 15.39 -14.86
N HIS A 145 18.14 15.99 -14.14
CA HIS A 145 18.08 17.41 -13.83
C HIS A 145 18.34 18.22 -15.10
N GLU A 146 17.38 19.10 -15.45
CA GLU A 146 17.45 19.90 -16.66
C GLU A 146 17.67 19.01 -17.89
N ASP A 147 17.26 17.74 -17.78
CA ASP A 147 17.18 16.73 -18.83
C ASP A 147 18.53 16.06 -19.13
N LEU A 148 19.62 16.53 -18.55
CA LEU A 148 20.94 16.01 -18.88
C LEU A 148 21.62 15.30 -17.71
N THR A 149 21.82 16.00 -16.59
CA THR A 149 22.56 15.41 -15.49
C THR A 149 21.66 14.54 -14.63
N VAL A 150 22.20 13.41 -14.18
CA VAL A 150 21.47 12.49 -13.32
C VAL A 150 21.78 12.83 -11.88
N LYS A 151 20.74 13.05 -11.08
CA LYS A 151 20.88 13.36 -9.66
C LYS A 151 20.19 12.27 -8.85
N ILE A 152 20.94 11.61 -7.98
CA ILE A 152 20.39 10.60 -7.09
C ILE A 152 20.04 11.26 -5.76
N GLY A 153 18.84 10.98 -5.24
CA GLY A 153 18.36 11.58 -4.02
C GLY A 153 17.84 10.55 -3.04
N ASP A 154 17.42 11.06 -1.87
CA ASP A 154 16.80 10.25 -0.82
C ASP A 154 17.70 9.09 -0.39
N PHE A 155 18.98 9.37 -0.21
CA PHE A 155 19.94 8.38 0.25
C PHE A 155 20.15 8.50 1.76
N GLY A 156 20.59 7.39 2.36
CA GLY A 156 20.82 7.38 3.79
C GLY A 156 19.54 7.60 4.56
N LEU A 157 19.61 8.45 5.59
CA LEU A 157 18.47 8.81 6.40
C LEU A 157 17.81 7.58 7.04
N ALA A 158 18.65 6.64 7.46
CA ALA A 158 18.13 5.43 8.10
C ALA A 158 17.46 5.74 9.44
N THR A 159 17.87 6.82 10.11
CA THR A 159 17.39 7.12 11.44
C THR A 159 15.93 7.54 11.46
N VAL A 160 15.41 8.08 10.35
CA VAL A 160 14.04 8.58 10.30
C VAL A 160 13.16 7.75 9.37
N LYS A 161 13.66 6.61 8.88
CA LYS A 161 12.83 5.66 8.13
C LYS A 161 12.21 4.61 9.04
N SER A 162 11.88 4.99 10.26
CA SER A 162 11.31 4.12 11.27
C SER A 162 11.00 4.96 12.50
N ARG A 163 10.03 4.49 13.27
CA ARG A 163 9.63 5.10 14.54
C ARG A 163 10.38 4.43 15.67
N TRP A 164 10.92 5.26 16.57
CA TRP A 164 11.88 4.82 17.57
C TRP A 164 11.22 4.59 18.92
N SER A 165 11.56 3.45 19.54
CA SER A 165 11.13 3.13 20.90
C SER A 165 12.30 3.37 21.85
N GLY A 166 12.62 4.65 22.02
CA GLY A 166 13.74 5.05 22.85
C GLY A 166 15.05 5.00 22.12
N SER A 167 15.78 3.88 22.24
CA SER A 167 17.05 3.71 21.56
C SER A 167 17.01 2.65 20.46
N HIS A 168 15.99 1.81 20.43
CA HIS A 168 15.86 0.74 19.44
C HIS A 168 14.73 1.05 18.47
N GLN A 169 14.92 0.68 17.21
CA GLN A 169 14.01 1.04 16.14
C GLN A 169 13.52 -0.23 15.43
N PHE A 170 12.23 -0.28 15.16
CA PHE A 170 11.64 -1.36 14.37
C PHE A 170 11.53 -0.90 12.93
N GLU A 171 12.14 -1.67 12.02
CA GLU A 171 12.16 -1.34 10.60
C GLU A 171 11.03 -2.10 9.90
N GLN A 172 10.15 -1.35 9.23
CA GLN A 172 9.06 -1.93 8.46
C GLN A 172 9.14 -1.44 7.02
N LEU A 173 8.68 -2.29 6.11
CA LEU A 173 8.66 -1.92 4.70
C LEU A 173 7.69 -0.77 4.47
N SER A 174 8.09 0.19 3.65
CA SER A 174 7.28 1.35 3.35
C SER A 174 7.45 1.71 1.88
N GLY A 175 6.36 2.22 1.28
CA GLY A 175 6.43 2.59 -0.11
C GLY A 175 6.46 1.38 -1.03
N SER A 176 7.02 1.58 -2.22
CA SER A 176 7.11 0.51 -3.20
C SER A 176 8.13 -0.55 -2.77
N ILE A 177 7.91 -1.78 -3.24
CA ILE A 177 8.82 -2.89 -2.96
C ILE A 177 9.58 -3.37 -4.19
N LEU A 178 9.27 -2.84 -5.37
CA LEU A 178 9.80 -3.40 -6.61
C LEU A 178 11.32 -3.35 -6.67
N TRP A 179 11.96 -2.50 -5.87
CA TRP A 179 13.41 -2.34 -5.89
C TRP A 179 14.10 -3.01 -4.70
N MET A 180 13.35 -3.68 -3.84
CA MET A 180 13.91 -4.26 -2.61
C MET A 180 14.51 -5.63 -2.89
N ALA A 181 15.71 -5.86 -2.37
CA ALA A 181 16.38 -7.14 -2.50
C ALA A 181 15.66 -8.20 -1.68
N PRO A 182 15.83 -9.48 -2.03
CA PRO A 182 15.20 -10.55 -1.24
C PRO A 182 15.54 -10.49 0.25
N GLU A 183 16.77 -10.11 0.59
CA GLU A 183 17.13 -10.02 2.01
C GLU A 183 16.55 -8.79 2.67
N VAL A 184 16.29 -7.73 1.89
CA VAL A 184 15.62 -6.55 2.45
C VAL A 184 14.15 -6.85 2.69
N ILE A 185 13.52 -7.60 1.78
CA ILE A 185 12.12 -7.99 1.95
C ILE A 185 11.94 -8.80 3.22
N ARG A 186 12.88 -9.71 3.51
CA ARG A 186 12.71 -10.62 4.63
C ARG A 186 12.88 -9.91 5.97
N MET A 187 13.77 -8.93 6.04
CA MET A 187 14.03 -8.18 7.29
C MET A 187 14.39 -9.10 8.43
N GLN A 188 15.23 -10.10 8.14
CA GLN A 188 15.57 -11.13 9.10
C GLN A 188 17.02 -11.10 9.55
N ASP A 189 17.96 -10.77 8.67
CA ASP A 189 19.36 -10.71 9.08
C ASP A 189 19.60 -9.48 9.96
N LYS A 190 20.81 -9.39 10.51
CA LYS A 190 21.12 -8.36 11.50
C LYS A 190 20.85 -6.97 10.93
N ASN A 191 21.37 -6.68 9.75
CA ASN A 191 20.92 -5.52 8.99
C ASN A 191 20.77 -5.91 7.54
N PRO A 192 19.54 -5.96 7.02
CA PRO A 192 19.34 -6.39 5.63
C PRO A 192 19.92 -5.43 4.61
N TYR A 193 20.14 -4.16 4.96
CA TYR A 193 20.65 -3.19 4.02
C TYR A 193 22.17 -3.25 3.94
N SER A 194 22.69 -3.19 2.73
CA SER A 194 24.13 -3.27 2.49
C SER A 194 24.43 -2.67 1.12
N PHE A 195 25.72 -2.60 0.79
CA PHE A 195 26.11 -2.19 -0.56
C PHE A 195 25.47 -3.08 -1.61
N GLN A 196 25.37 -4.38 -1.33
CA GLN A 196 24.83 -5.33 -2.31
C GLN A 196 23.33 -5.17 -2.48
N SER A 197 22.61 -4.72 -1.46
CA SER A 197 21.19 -4.46 -1.63
C SER A 197 20.95 -3.23 -2.50
N ASP A 198 21.84 -2.22 -2.40
CA ASP A 198 21.80 -1.12 -3.35
C ASP A 198 22.06 -1.60 -4.77
N VAL A 199 22.98 -2.56 -4.91
CA VAL A 199 23.30 -3.11 -6.24
C VAL A 199 22.07 -3.78 -6.84
N TYR A 200 21.29 -4.48 -6.02
CA TYR A 200 20.05 -5.09 -6.50
C TYR A 200 19.08 -4.02 -6.99
N ALA A 201 18.87 -2.98 -6.19
CA ALA A 201 17.99 -1.89 -6.61
C ALA A 201 18.48 -1.27 -7.91
N PHE A 202 19.80 -1.11 -8.06
CA PHE A 202 20.35 -0.65 -9.32
C PHE A 202 20.04 -1.64 -10.44
N GLY A 203 20.03 -2.93 -10.12
CA GLY A 203 19.65 -3.92 -11.12
C GLY A 203 18.22 -3.76 -11.58
N ILE A 204 17.31 -3.41 -10.66
CA ILE A 204 15.93 -3.17 -11.04
C ILE A 204 15.83 -1.91 -11.89
N VAL A 205 16.64 -0.89 -11.59
CA VAL A 205 16.64 0.32 -12.41
C VAL A 205 17.14 0.00 -13.82
N LEU A 206 18.15 -0.86 -13.92
CA LEU A 206 18.59 -1.33 -15.23
C LEU A 206 17.46 -2.03 -15.97
N TYR A 207 16.67 -2.82 -15.25
CA TYR A 207 15.50 -3.46 -15.85
C TYR A 207 14.55 -2.42 -16.43
N GLU A 208 14.26 -1.37 -15.66
CA GLU A 208 13.36 -0.33 -16.14
C GLU A 208 13.90 0.32 -17.40
N LEU A 209 15.19 0.63 -17.44
CA LEU A 209 15.77 1.28 -18.61
C LEU A 209 15.73 0.37 -19.83
N MET A 210 16.11 -0.89 -19.67
CA MET A 210 16.26 -1.79 -20.81
C MET A 210 14.95 -2.45 -21.23
N THR A 211 13.93 -2.42 -20.37
CA THR A 211 12.63 -2.97 -20.73
C THR A 211 11.54 -1.93 -20.88
N GLY A 212 11.71 -0.74 -20.31
CA GLY A 212 10.65 0.24 -20.27
C GLY A 212 9.52 -0.08 -19.32
N GLN A 213 9.63 -1.15 -18.54
CA GLN A 213 8.57 -1.62 -17.67
C GLN A 213 9.08 -1.75 -16.23
N LEU A 214 8.15 -1.65 -15.29
CA LEU A 214 8.42 -2.10 -13.94
C LEU A 214 8.45 -3.63 -13.92
N PRO A 215 9.21 -4.23 -13.02
CA PRO A 215 9.22 -5.69 -12.92
C PRO A 215 7.88 -6.22 -12.42
N TYR A 216 7.63 -7.50 -12.71
CA TYR A 216 6.43 -8.20 -12.27
C TYR A 216 5.16 -7.51 -12.81
N SER A 217 5.19 -7.18 -14.10
CA SER A 217 4.04 -6.52 -14.72
C SER A 217 2.82 -7.43 -14.81
N ASN A 218 3.02 -8.75 -14.79
CA ASN A 218 1.93 -9.71 -14.92
C ASN A 218 1.34 -10.13 -13.58
N ILE A 219 1.80 -9.53 -12.48
CA ILE A 219 1.36 -9.91 -11.14
C ILE A 219 0.79 -8.67 -10.46
N ASN A 220 -0.50 -8.69 -10.17
CA ASN A 220 -1.16 -7.58 -9.49
C ASN A 220 -1.40 -7.84 -8.00
N ASN A 221 -0.91 -8.97 -7.48
CA ASN A 221 -1.02 -9.31 -6.08
C ASN A 221 0.29 -8.94 -5.39
N ARG A 222 0.26 -7.86 -4.62
CA ARG A 222 1.49 -7.37 -4.00
C ARG A 222 2.03 -8.35 -2.96
N ASP A 223 1.15 -8.95 -2.16
CA ASP A 223 1.62 -9.87 -1.13
C ASP A 223 2.21 -11.13 -1.73
N GLN A 224 1.75 -11.56 -2.91
CA GLN A 224 2.43 -12.63 -3.61
C GLN A 224 3.84 -12.23 -3.99
N ILE A 225 4.03 -10.97 -4.43
CA ILE A 225 5.35 -10.50 -4.80
C ILE A 225 6.27 -10.47 -3.58
N ILE A 226 5.75 -9.97 -2.45
CA ILE A 226 6.57 -9.88 -1.24
C ILE A 226 7.06 -11.26 -0.81
N PHE A 227 6.16 -12.25 -0.81
CA PHE A 227 6.52 -13.58 -0.33
C PHE A 227 7.47 -14.28 -1.30
N MET A 228 7.12 -14.31 -2.59
CA MET A 228 7.89 -15.11 -3.53
C MET A 228 9.25 -14.48 -3.82
N VAL A 229 9.33 -13.15 -3.88
CA VAL A 229 10.63 -12.50 -4.01
C VAL A 229 11.46 -12.72 -2.76
N GLY A 230 10.84 -12.62 -1.58
CA GLY A 230 11.58 -12.84 -0.34
C GLY A 230 12.06 -14.26 -0.19
N ARG A 231 11.28 -15.23 -0.64
CA ARG A 231 11.66 -16.64 -0.57
C ARG A 231 12.55 -17.07 -1.72
N GLY A 232 12.77 -16.21 -2.71
CA GLY A 232 13.59 -16.58 -3.86
C GLY A 232 12.85 -17.35 -4.94
N TYR A 233 11.53 -17.35 -4.92
CA TYR A 233 10.74 -18.04 -5.92
C TYR A 233 10.42 -17.16 -7.13
N LEU A 234 10.64 -15.85 -7.04
CA LEU A 234 10.26 -14.92 -8.09
C LEU A 234 11.39 -13.94 -8.35
N SER A 235 11.60 -13.62 -9.61
CA SER A 235 12.63 -12.68 -10.04
C SER A 235 12.17 -12.01 -11.32
N PRO A 236 12.71 -10.84 -11.65
CA PRO A 236 12.28 -10.14 -12.87
C PRO A 236 12.47 -10.99 -14.11
N ASP A 237 11.51 -10.90 -15.02
CA ASP A 237 11.53 -11.63 -16.28
C ASP A 237 12.48 -10.92 -17.23
N LEU A 238 13.69 -11.46 -17.38
CA LEU A 238 14.68 -10.83 -18.24
C LEU A 238 14.39 -11.01 -19.72
N SER A 239 13.34 -11.76 -20.08
CA SER A 239 12.95 -11.85 -21.49
C SER A 239 12.23 -10.59 -21.97
N LYS A 240 11.71 -9.78 -21.04
CA LYS A 240 11.10 -8.51 -21.38
C LYS A 240 12.11 -7.48 -21.87
N VAL A 241 13.40 -7.79 -21.79
CA VAL A 241 14.43 -6.87 -22.25
C VAL A 241 14.29 -6.65 -23.75
N ARG A 242 14.34 -5.38 -24.16
CA ARG A 242 14.16 -5.03 -25.56
C ARG A 242 15.32 -5.54 -26.40
N SER A 243 15.05 -5.69 -27.71
CA SER A 243 15.98 -6.41 -28.58
C SER A 243 17.28 -5.65 -28.80
N ASN A 244 17.25 -4.32 -28.67
CA ASN A 244 18.44 -3.52 -28.91
C ASN A 244 19.29 -3.30 -27.66
N CYS A 245 19.03 -4.06 -26.60
CA CYS A 245 19.84 -3.95 -25.40
C CYS A 245 21.13 -4.74 -25.58
N PRO A 246 22.30 -4.12 -25.37
CA PRO A 246 23.56 -4.85 -25.50
C PRO A 246 23.60 -6.05 -24.56
N LYS A 247 24.15 -7.16 -25.09
CA LYS A 247 24.19 -8.42 -24.35
C LYS A 247 24.99 -8.30 -23.06
N ALA A 248 26.00 -7.43 -23.04
CA ALA A 248 26.75 -7.22 -21.81
C ALA A 248 25.92 -6.50 -20.76
N MET A 249 24.97 -5.67 -21.18
CA MET A 249 24.07 -5.01 -20.24
C MET A 249 23.08 -6.00 -19.64
N LYS A 250 22.63 -7.00 -20.41
CA LYS A 250 21.75 -8.01 -19.86
C LYS A 250 22.48 -8.91 -18.88
N ARG A 251 23.75 -9.22 -19.16
CA ARG A 251 24.54 -10.01 -18.21
C ARG A 251 24.80 -9.23 -16.93
N LEU A 252 25.20 -7.96 -17.06
CA LEU A 252 25.40 -7.11 -15.89
C LEU A 252 24.11 -6.99 -15.08
N MET A 253 22.98 -6.84 -15.76
CA MET A 253 21.70 -6.76 -15.08
C MET A 253 21.42 -8.03 -14.29
N ALA A 254 21.76 -9.19 -14.84
CA ALA A 254 21.49 -10.45 -14.16
C ALA A 254 22.39 -10.64 -12.93
N GLU A 255 23.61 -10.09 -12.97
CA GLU A 255 24.50 -10.21 -11.82
C GLU A 255 24.05 -9.33 -10.67
N CYS A 256 23.53 -8.14 -10.96
CA CYS A 256 23.04 -7.26 -9.90
C CYS A 256 21.81 -7.82 -9.22
N LEU A 257 21.01 -8.61 -9.93
CA LEU A 257 19.76 -9.14 -9.42
C LEU A 257 19.91 -10.53 -8.81
N LYS A 258 21.12 -10.97 -8.52
CA LYS A 258 21.32 -12.27 -7.90
C LYS A 258 20.60 -12.33 -6.55
N LYS A 259 19.97 -13.48 -6.28
CA LYS A 259 19.17 -13.61 -5.07
C LYS A 259 20.02 -13.54 -3.81
N LYS A 260 21.20 -14.15 -3.83
CA LYS A 260 22.14 -14.09 -2.72
C LYS A 260 23.00 -12.84 -2.86
N ARG A 261 23.05 -12.03 -1.79
CA ARG A 261 23.78 -10.76 -1.87
C ARG A 261 25.27 -10.97 -2.04
N ASP A 262 25.81 -12.09 -1.54
CA ASP A 262 27.23 -12.37 -1.70
C ASP A 262 27.64 -12.56 -3.16
N GLU A 263 26.68 -12.82 -4.05
CA GLU A 263 26.97 -13.04 -5.46
C GLU A 263 26.79 -11.79 -6.31
N ARG A 264 26.47 -10.65 -5.70
CA ARG A 264 26.30 -9.45 -6.53
C ARG A 264 27.61 -8.67 -6.60
N PRO A 265 27.92 -8.12 -7.77
CA PRO A 265 29.13 -7.30 -7.89
C PRO A 265 28.96 -5.96 -7.18
N LEU A 266 30.08 -5.29 -6.99
CA LEU A 266 30.10 -3.95 -6.40
C LEU A 266 30.21 -2.89 -7.49
N PHE A 267 29.96 -1.65 -7.11
CA PHE A 267 29.81 -0.56 -8.08
C PHE A 267 31.08 -0.17 -8.81
N PRO A 268 32.28 -0.27 -8.20
CA PRO A 268 33.49 -0.08 -9.01
C PRO A 268 33.55 -0.99 -10.24
N GLN A 269 33.17 -2.25 -10.09
CA GLN A 269 33.10 -3.16 -11.22
C GLN A 269 31.90 -2.86 -12.12
N ILE A 270 30.76 -2.52 -11.52
CA ILE A 270 29.57 -2.19 -12.30
C ILE A 270 29.83 -0.96 -13.17
N LEU A 271 30.42 0.09 -12.57
CA LEU A 271 30.72 1.29 -13.31
C LEU A 271 31.71 1.03 -14.44
N ALA A 272 32.70 0.16 -14.19
CA ALA A 272 33.68 -0.17 -15.23
C ALA A 272 33.05 -0.90 -16.39
N SER A 273 32.04 -1.74 -16.13
CA SER A 273 31.40 -2.49 -17.20
C SER A 273 30.52 -1.58 -18.06
N ILE A 274 29.77 -0.67 -17.42
CA ILE A 274 28.90 0.24 -18.18
C ILE A 274 29.74 1.17 -19.03
N GLU A 275 30.89 1.63 -18.51
CA GLU A 275 31.75 2.50 -19.28
C GLU A 275 32.36 1.77 -20.47
N LEU A 276 32.73 0.50 -20.29
CA LEU A 276 33.27 -0.27 -21.41
C LEU A 276 32.20 -0.52 -22.47
N LEU A 277 30.97 -0.83 -22.04
CA LEU A 277 29.89 -1.05 -22.99
C LEU A 277 29.52 0.23 -23.71
N ALA A 278 29.58 1.38 -23.02
CA ALA A 278 29.31 2.65 -23.69
C ALA A 278 30.30 2.93 -24.80
N ARG A 279 31.54 2.41 -24.68
CA ARG A 279 32.52 2.55 -25.74
C ARG A 279 32.30 1.51 -26.84
N SER A 280 32.11 0.24 -26.46
CA SER A 280 31.86 -0.84 -27.41
C SER A 280 30.40 -0.85 -27.83
N LEU A 281 29.99 0.24 -28.49
CA LEU A 281 28.60 0.44 -28.85
C LEU A 281 28.51 1.33 -30.09
N PRO A 282 27.62 1.00 -31.04
CA PRO A 282 27.39 1.82 -32.24
C PRO A 282 26.98 3.26 -31.91
CA GLU B 42 -34.48 -4.60 -8.29
C GLU B 42 -35.11 -5.94 -8.65
N GLU B 43 -34.42 -7.01 -8.28
CA GLU B 43 -34.86 -8.38 -8.57
C GLU B 43 -34.12 -9.33 -7.63
N LEU B 44 -33.76 -8.84 -6.46
CA LEU B 44 -32.93 -9.56 -5.51
C LEU B 44 -33.74 -9.92 -4.26
N GLU B 45 -33.20 -10.88 -3.50
CA GLU B 45 -33.85 -11.34 -2.28
C GLU B 45 -33.85 -10.24 -1.19
N LEU B 46 -34.66 -9.21 -1.38
CA LEU B 46 -34.73 -8.09 -0.45
C LEU B 46 -35.96 -8.20 0.44
N ASP B 47 -35.80 -7.87 1.72
CA ASP B 47 -36.99 -7.61 2.51
C ASP B 47 -37.49 -6.21 2.21
N GLU B 48 -38.72 -5.94 2.63
CA GLU B 48 -39.36 -4.69 2.22
C GLU B 48 -38.65 -3.47 2.76
N GLN B 49 -37.86 -3.61 3.84
CA GLN B 49 -37.08 -2.47 4.32
C GLN B 49 -35.80 -2.30 3.51
N GLN B 50 -35.14 -3.40 3.13
CA GLN B 50 -33.93 -3.28 2.31
C GLN B 50 -34.26 -2.68 0.94
N ARG B 51 -35.41 -3.02 0.36
CA ARG B 51 -35.78 -2.48 -0.93
C ARG B 51 -36.10 -1.00 -0.84
N LYS B 52 -36.69 -0.56 0.27
CA LYS B 52 -37.02 0.86 0.42
C LYS B 52 -35.75 1.70 0.59
N ARG B 53 -34.77 1.19 1.33
CA ARG B 53 -33.51 1.91 1.47
C ARG B 53 -32.72 1.92 0.17
N LEU B 54 -32.75 0.81 -0.56
CA LEU B 54 -32.10 0.76 -1.88
C LEU B 54 -32.73 1.75 -2.84
N GLU B 55 -34.06 1.86 -2.82
CA GLU B 55 -34.75 2.86 -3.63
C GLU B 55 -34.35 4.28 -3.22
N ALA B 56 -34.33 4.56 -1.91
CA ALA B 56 -33.98 5.88 -1.42
C ALA B 56 -32.57 6.28 -1.84
N PHE B 57 -31.65 5.30 -1.93
CA PHE B 57 -30.30 5.60 -2.36
C PHE B 57 -30.26 5.95 -3.84
N LEU B 58 -31.00 5.19 -4.67
CA LEU B 58 -31.09 5.51 -6.09
C LEU B 58 -31.73 6.87 -6.31
N THR B 59 -32.66 7.26 -5.45
CA THR B 59 -33.29 8.57 -5.56
C THR B 59 -32.29 9.68 -5.31
N GLN B 60 -31.56 9.62 -4.20
CA GLN B 60 -30.54 10.61 -3.92
C GLN B 60 -29.44 10.62 -4.98
N LYS B 61 -29.17 9.46 -5.57
CA LYS B 61 -28.10 9.36 -6.56
C LYS B 61 -28.44 10.11 -7.84
N GLN B 62 -29.74 10.25 -8.16
CA GLN B 62 -30.13 10.98 -9.36
C GLN B 62 -29.99 12.49 -9.19
N LYS B 63 -29.96 12.99 -7.95
CA LYS B 63 -29.66 14.40 -7.72
C LYS B 63 -28.19 14.72 -7.96
N VAL B 64 -27.34 13.70 -8.11
CA VAL B 64 -25.90 13.87 -8.27
C VAL B 64 -25.57 13.79 -9.75
N GLY B 65 -25.24 14.93 -10.35
CA GLY B 65 -24.80 14.95 -11.72
C GLY B 65 -23.33 14.57 -11.85
N GLU B 66 -22.56 15.39 -12.55
CA GLU B 66 -21.12 15.15 -12.67
C GLU B 66 -20.41 15.68 -11.44
N LEU B 67 -19.45 14.90 -10.93
CA LEU B 67 -18.73 15.26 -9.73
C LEU B 67 -17.51 16.11 -10.09
N LYS B 68 -17.38 17.25 -9.40
CA LYS B 68 -16.28 18.17 -9.60
C LYS B 68 -15.67 18.55 -8.25
N ASP B 69 -14.38 18.85 -8.26
CA ASP B 69 -13.66 19.06 -7.01
C ASP B 69 -14.18 20.27 -6.24
N ASP B 70 -14.56 21.34 -6.95
CA ASP B 70 -15.03 22.54 -6.27
C ASP B 70 -16.47 22.44 -5.79
N ASP B 71 -17.19 21.39 -6.15
CA ASP B 71 -18.53 21.17 -5.63
C ASP B 71 -18.53 20.56 -4.22
N PHE B 72 -17.35 20.22 -3.70
CA PHE B 72 -17.23 19.56 -2.41
C PHE B 72 -16.72 20.52 -1.35
N GLU B 73 -17.14 20.28 -0.11
CA GLU B 73 -16.67 21.03 1.05
C GLU B 73 -16.24 20.04 2.13
N LYS B 74 -15.00 20.22 2.61
CA LYS B 74 -14.46 19.33 3.63
C LYS B 74 -15.24 19.47 4.92
N ILE B 75 -15.57 18.34 5.55
CA ILE B 75 -16.14 18.32 6.90
C ILE B 75 -15.12 17.79 7.91
N SER B 76 -14.68 16.55 7.74
CA SER B 76 -13.72 15.93 8.65
C SER B 76 -13.12 14.71 7.98
N GLU B 77 -11.99 14.26 8.52
CA GLU B 77 -11.32 13.08 8.02
C GLU B 77 -11.90 11.83 8.67
N LEU B 78 -12.19 10.82 7.86
CA LEU B 78 -12.70 9.55 8.34
C LEU B 78 -11.60 8.51 8.55
N GLY B 79 -10.37 8.82 8.16
CA GLY B 79 -9.27 7.89 8.33
C GLY B 79 -8.37 7.82 7.12
N ALA B 80 -7.22 7.18 7.26
CA ALA B 80 -6.27 7.02 6.17
C ALA B 80 -5.72 5.60 6.19
N GLY B 81 -5.38 5.10 5.00
CA GLY B 81 -4.82 3.79 4.84
C GLY B 81 -3.39 3.83 4.33
N ASN B 82 -2.95 2.70 3.77
CA ASN B 82 -1.60 2.64 3.23
C ASN B 82 -1.47 3.41 1.93
N GLY B 83 -2.56 3.58 1.19
CA GLY B 83 -2.48 4.25 -0.10
C GLY B 83 -3.57 5.28 -0.36
N GLY B 84 -4.37 5.60 0.64
CA GLY B 84 -5.46 6.54 0.44
C GLY B 84 -5.79 7.32 1.69
N VAL B 85 -6.68 8.29 1.53
CA VAL B 85 -7.21 9.09 2.63
C VAL B 85 -8.68 9.35 2.34
N VAL B 86 -9.51 9.26 3.38
CA VAL B 86 -10.96 9.36 3.25
C VAL B 86 -11.44 10.54 4.06
N PHE B 87 -12.31 11.35 3.45
CA PHE B 87 -12.87 12.53 4.10
C PHE B 87 -14.39 12.48 4.04
N LYS B 88 -15.03 12.94 5.11
CA LYS B 88 -16.46 13.24 5.07
C LYS B 88 -16.65 14.60 4.40
N VAL B 89 -17.42 14.63 3.32
CA VAL B 89 -17.58 15.82 2.51
C VAL B 89 -19.06 16.07 2.24
N SER B 90 -19.35 17.30 1.85
CA SER B 90 -20.69 17.72 1.48
CA SER B 90 -20.69 17.72 1.48
C SER B 90 -20.70 18.11 0.00
N HIS B 91 -21.53 17.42 -0.78
CA HIS B 91 -21.69 17.75 -2.18
C HIS B 91 -22.71 18.89 -2.26
N LYS B 92 -22.20 20.11 -2.39
CA LYS B 92 -23.06 21.29 -2.32
C LYS B 92 -24.17 21.33 -3.35
N PRO B 93 -23.97 20.93 -4.62
CA PRO B 93 -25.10 20.93 -5.55
C PRO B 93 -26.23 19.99 -5.16
N SER B 94 -25.93 18.93 -4.40
CA SER B 94 -26.94 17.95 -4.03
C SER B 94 -27.31 17.97 -2.56
N GLY B 95 -26.52 18.61 -1.71
CA GLY B 95 -26.72 18.55 -0.29
C GLY B 95 -26.34 17.25 0.38
N LEU B 96 -25.96 16.24 -0.41
CA LEU B 96 -25.60 14.94 0.16
C LEU B 96 -24.28 15.01 0.90
N VAL B 97 -24.18 14.23 1.98
CA VAL B 97 -22.92 13.98 2.66
C VAL B 97 -22.37 12.67 2.13
N MET B 98 -21.11 12.68 1.71
CA MET B 98 -20.47 11.53 1.11
C MET B 98 -19.15 11.25 1.80
N ALA B 99 -18.65 10.03 1.61
CA ALA B 99 -17.28 9.67 1.95
C ALA B 99 -16.45 9.73 0.68
N ARG B 100 -15.46 10.62 0.66
CA ARG B 100 -14.63 10.84 -0.52
C ARG B 100 -13.24 10.28 -0.24
N LYS B 101 -12.88 9.23 -0.98
CA LYS B 101 -11.55 8.64 -0.91
C LYS B 101 -10.68 9.22 -2.01
N LEU B 102 -9.48 9.65 -1.66
CA LEU B 102 -8.56 10.26 -2.62
C LEU B 102 -7.30 9.40 -2.68
N ILE B 103 -6.99 8.91 -3.88
CA ILE B 103 -5.84 8.05 -4.13
C ILE B 103 -4.89 8.79 -5.06
N HIS B 104 -3.66 9.01 -4.59
CA HIS B 104 -2.63 9.70 -5.37
C HIS B 104 -1.74 8.63 -6.02
N LEU B 105 -1.91 8.42 -7.32
CA LEU B 105 -1.13 7.44 -8.07
C LEU B 105 -0.32 8.14 -9.14
N GLU B 106 0.97 7.79 -9.22
CA GLU B 106 1.85 8.32 -10.26
C GLU B 106 1.91 7.30 -11.38
N ILE B 107 0.92 7.38 -12.28
CA ILE B 107 0.73 6.44 -13.37
C ILE B 107 0.58 7.21 -14.67
N LYS B 108 0.73 6.49 -15.78
CA LYS B 108 0.54 7.12 -17.08
C LYS B 108 -0.95 7.39 -17.31
N PRO B 109 -1.29 8.51 -17.97
CA PRO B 109 -2.71 8.87 -18.10
C PRO B 109 -3.58 7.80 -18.75
N ALA B 110 -3.01 6.98 -19.63
CA ALA B 110 -3.81 5.91 -20.24
C ALA B 110 -4.29 4.91 -19.20
N ILE B 111 -3.42 4.55 -18.25
CA ILE B 111 -3.82 3.66 -17.17
C ILE B 111 -4.83 4.36 -16.26
N ARG B 112 -4.59 5.65 -15.95
CA ARG B 112 -5.50 6.40 -15.10
C ARG B 112 -6.89 6.48 -15.73
N ASN B 113 -6.95 6.78 -17.03
CA ASN B 113 -8.24 6.85 -17.70
C ASN B 113 -8.96 5.51 -17.71
N GLN B 114 -8.21 4.41 -17.83
CA GLN B 114 -8.82 3.10 -17.74
C GLN B 114 -9.32 2.80 -16.34
N ILE B 115 -8.61 3.29 -15.31
CA ILE B 115 -9.04 3.08 -13.94
C ILE B 115 -10.37 3.79 -13.69
N ILE B 116 -10.48 5.05 -14.10
CA ILE B 116 -11.74 5.78 -13.96
C ILE B 116 -12.85 5.11 -14.75
N ARG B 117 -12.51 4.47 -15.87
CA ARG B 117 -13.49 3.76 -16.68
C ARG B 117 -14.02 2.54 -15.95
N GLU B 118 -13.12 1.68 -15.46
CA GLU B 118 -13.54 0.45 -14.79
C GLU B 118 -14.31 0.74 -13.50
N LEU B 119 -13.98 1.83 -12.81
CA LEU B 119 -14.71 2.18 -11.59
C LEU B 119 -16.16 2.55 -11.86
N GLN B 120 -16.49 2.93 -13.09
CA GLN B 120 -17.88 3.28 -13.42
C GLN B 120 -18.81 2.09 -13.27
N VAL B 121 -18.28 0.87 -13.20
CA VAL B 121 -19.11 -0.31 -12.93
C VAL B 121 -19.74 -0.21 -11.55
N LEU B 122 -19.10 0.53 -10.63
CA LEU B 122 -19.66 0.70 -9.29
C LEU B 122 -21.04 1.35 -9.31
N HIS B 123 -21.40 2.02 -10.41
CA HIS B 123 -22.76 2.54 -10.54
C HIS B 123 -23.80 1.43 -10.56
N GLU B 124 -23.42 0.21 -10.92
CA GLU B 124 -24.34 -0.92 -11.00
C GLU B 124 -24.20 -1.89 -9.85
N CYS B 125 -23.36 -1.58 -8.85
CA CYS B 125 -23.20 -2.44 -7.67
C CYS B 125 -24.10 -1.87 -6.57
N ASN B 126 -25.37 -2.28 -6.60
CA ASN B 126 -26.37 -1.80 -5.65
C ASN B 126 -26.96 -3.00 -4.92
N SER B 127 -26.63 -3.11 -3.64
CA SER B 127 -27.04 -4.22 -2.80
C SER B 127 -27.05 -3.74 -1.35
N PRO B 128 -27.95 -4.27 -0.51
CA PRO B 128 -27.91 -3.88 0.92
C PRO B 128 -26.61 -4.23 1.62
N TYR B 129 -25.75 -5.06 1.01
CA TYR B 129 -24.50 -5.47 1.60
C TYR B 129 -23.29 -4.88 0.89
N ILE B 130 -23.50 -3.91 0.00
CA ILE B 130 -22.42 -3.25 -0.73
C ILE B 130 -22.52 -1.75 -0.46
N VAL B 131 -21.39 -1.13 -0.12
CA VAL B 131 -21.37 0.31 0.12
C VAL B 131 -21.77 1.04 -1.16
N GLY B 132 -22.74 1.92 -1.04
CA GLY B 132 -23.21 2.67 -2.20
C GLY B 132 -22.13 3.52 -2.82
N PHE B 133 -22.40 3.98 -4.04
CA PHE B 133 -21.42 4.65 -4.86
C PHE B 133 -22.06 5.84 -5.56
N TYR B 134 -21.36 6.97 -5.56
CA TYR B 134 -21.85 8.19 -6.18
C TYR B 134 -21.09 8.58 -7.45
N GLY B 135 -19.78 8.38 -7.49
CA GLY B 135 -19.01 8.72 -8.66
C GLY B 135 -17.51 8.60 -8.47
N ALA B 136 -16.79 8.42 -9.57
CA ALA B 136 -15.34 8.32 -9.57
C ALA B 136 -14.78 9.23 -10.64
N PHE B 137 -13.94 10.19 -10.25
CA PHE B 137 -13.39 11.15 -11.19
C PHE B 137 -11.94 11.44 -10.80
N TYR B 138 -11.26 12.20 -11.66
CA TYR B 138 -9.86 12.55 -11.50
C TYR B 138 -9.70 14.07 -11.55
N SER B 139 -8.87 14.59 -10.65
CA SER B 139 -8.60 16.02 -10.58
C SER B 139 -7.40 16.26 -9.67
N ASP B 140 -6.55 17.22 -10.05
CA ASP B 140 -5.45 17.68 -9.20
C ASP B 140 -4.52 16.52 -8.84
N GLY B 141 -4.36 15.59 -9.78
CA GLY B 141 -3.48 14.47 -9.61
C GLY B 141 -3.95 13.43 -8.61
N GLU B 142 -5.24 13.36 -8.32
CA GLU B 142 -5.76 12.40 -7.36
C GLU B 142 -7.04 11.77 -7.88
N ILE B 143 -7.13 10.45 -7.75
CA ILE B 143 -8.36 9.72 -8.06
C ILE B 143 -9.31 9.88 -6.89
N SER B 144 -10.53 10.36 -7.17
CA SER B 144 -11.56 10.52 -6.15
C SER B 144 -12.64 9.47 -6.35
N ILE B 145 -12.94 8.72 -5.29
CA ILE B 145 -14.02 7.76 -5.28
C ILE B 145 -15.02 8.23 -4.23
N CYS B 146 -16.20 8.66 -4.66
CA CYS B 146 -17.22 9.19 -3.78
C CYS B 146 -18.25 8.10 -3.49
N MET B 147 -18.46 7.80 -2.22
CA MET B 147 -19.31 6.70 -1.81
C MET B 147 -20.19 7.14 -0.64
N GLU B 148 -21.12 6.27 -0.29
CA GLU B 148 -22.05 6.53 0.81
C GLU B 148 -21.32 6.56 2.15
N HIS B 149 -21.61 7.56 2.96
CA HIS B 149 -21.00 7.69 4.27
C HIS B 149 -21.65 6.72 5.26
N MET B 150 -20.81 5.94 5.95
CA MET B 150 -21.26 4.98 6.95
C MET B 150 -20.83 5.51 8.32
N ASP B 151 -21.79 5.97 9.12
CA ASP B 151 -21.48 6.67 10.36
C ASP B 151 -20.97 5.74 11.47
N GLY B 152 -21.02 4.44 11.27
CA GLY B 152 -20.46 3.51 12.24
C GLY B 152 -19.00 3.17 12.02
N GLY B 153 -18.41 3.66 10.93
CA GLY B 153 -17.03 3.37 10.63
C GLY B 153 -16.85 1.94 10.14
N SER B 154 -15.60 1.51 10.13
CA SER B 154 -15.25 0.15 9.77
C SER B 154 -15.28 -0.75 11.01
N LEU B 155 -15.40 -2.05 10.77
CA LEU B 155 -15.33 -3.00 11.88
C LEU B 155 -13.95 -3.01 12.53
N ASP B 156 -12.94 -2.49 11.83
CA ASP B 156 -11.64 -2.32 12.46
C ASP B 156 -11.68 -1.24 13.54
N GLN B 157 -12.39 -0.14 13.27
CA GLN B 157 -12.58 0.89 14.29
C GLN B 157 -13.49 0.40 15.40
N VAL B 158 -14.60 -0.25 15.02
CA VAL B 158 -15.52 -0.78 16.02
C VAL B 158 -14.84 -1.84 16.87
N LEU B 159 -13.88 -2.57 16.32
CA LEU B 159 -13.17 -3.59 17.08
C LEU B 159 -12.37 -2.96 18.21
N LYS B 160 -11.65 -1.88 17.93
CA LYS B 160 -10.86 -1.23 18.98
C LYS B 160 -11.75 -0.63 20.06
N LYS B 161 -12.95 -0.18 19.70
CA LYS B 161 -13.86 0.37 20.68
C LYS B 161 -14.61 -0.70 21.46
N ALA B 162 -14.74 -1.90 20.89
CA ALA B 162 -15.42 -3.00 21.55
C ALA B 162 -14.46 -3.94 22.28
N GLY B 163 -13.16 -3.86 22.01
CA GLY B 163 -12.24 -4.84 22.54
C GLY B 163 -12.38 -6.16 21.81
N ARG B 164 -13.51 -6.82 22.01
CA ARG B 164 -13.90 -8.00 21.24
C ARG B 164 -15.34 -7.85 20.81
N ILE B 165 -15.70 -8.49 19.71
CA ILE B 165 -17.05 -8.44 19.15
C ILE B 165 -17.75 -9.74 19.50
N PRO B 166 -18.99 -9.69 20.01
CA PRO B 166 -19.65 -10.92 20.44
C PRO B 166 -19.93 -11.86 19.27
N GLU B 167 -20.03 -13.15 19.59
CA GLU B 167 -20.27 -14.16 18.55
C GLU B 167 -21.59 -13.94 17.85
N GLN B 168 -22.63 -13.56 18.60
CA GLN B 168 -23.93 -13.33 17.98
C GLN B 168 -23.91 -12.11 17.07
N ILE B 169 -23.05 -11.14 17.34
CA ILE B 169 -22.86 -10.03 16.42
C ILE B 169 -22.09 -10.50 15.18
N LEU B 170 -21.06 -11.32 15.38
CA LEU B 170 -20.27 -11.84 14.27
C LEU B 170 -21.08 -12.75 13.37
N GLY B 171 -22.17 -13.35 13.87
CA GLY B 171 -23.04 -14.11 13.00
C GLY B 171 -23.74 -13.24 11.98
N LYS B 172 -24.20 -12.06 12.41
CA LYS B 172 -24.82 -11.13 11.47
C LYS B 172 -23.79 -10.56 10.49
N VAL B 173 -22.54 -10.41 10.92
CA VAL B 173 -21.50 -9.92 10.03
C VAL B 173 -21.18 -10.96 8.97
N SER B 174 -21.08 -12.24 9.37
CA SER B 174 -20.77 -13.29 8.41
C SER B 174 -21.84 -13.39 7.32
N ILE B 175 -23.12 -13.31 7.71
CA ILE B 175 -24.20 -13.34 6.74
C ILE B 175 -24.06 -12.18 5.76
N ALA B 176 -23.71 -11.00 6.25
CA ALA B 176 -23.57 -9.84 5.38
C ALA B 176 -22.36 -9.98 4.45
N VAL B 177 -21.25 -10.48 4.97
CA VAL B 177 -20.06 -10.66 4.13
C VAL B 177 -20.30 -11.74 3.09
N ILE B 178 -20.92 -12.86 3.49
CA ILE B 178 -21.21 -13.94 2.55
C ILE B 178 -22.12 -13.44 1.44
N LYS B 179 -23.21 -12.78 1.82
CA LYS B 179 -24.17 -12.29 0.81
C LYS B 179 -23.59 -11.14 -0.01
N GLY B 180 -22.66 -10.38 0.57
CA GLY B 180 -21.99 -9.35 -0.22
C GLY B 180 -21.03 -9.94 -1.23
N LEU B 181 -20.25 -10.95 -0.82
CA LEU B 181 -19.38 -11.64 -1.75
C LEU B 181 -20.17 -12.40 -2.82
N THR B 182 -21.35 -12.92 -2.44
CA THR B 182 -22.19 -13.64 -3.40
C THR B 182 -22.75 -12.68 -4.45
N TYR B 183 -23.19 -11.49 -4.03
CA TYR B 183 -23.69 -10.50 -4.97
C TYR B 183 -22.62 -10.09 -5.98
N LEU B 184 -21.41 -9.83 -5.48
CA LEU B 184 -20.34 -9.36 -6.36
C LEU B 184 -19.95 -10.41 -7.39
N ARG B 185 -19.96 -11.69 -7.00
CA ARG B 185 -19.54 -12.75 -7.90
C ARG B 185 -20.64 -13.16 -8.85
N GLU B 186 -21.89 -13.23 -8.38
CA GLU B 186 -22.99 -13.67 -9.24
C GLU B 186 -23.43 -12.58 -10.21
N LYS B 187 -23.62 -11.36 -9.71
CA LYS B 187 -24.17 -10.29 -10.55
C LYS B 187 -23.10 -9.53 -11.33
N HIS B 188 -21.82 -9.67 -10.97
CA HIS B 188 -20.79 -8.88 -11.62
C HIS B 188 -19.50 -9.64 -11.90
N LYS B 189 -19.39 -10.90 -11.49
CA LYS B 189 -18.16 -11.69 -11.63
C LYS B 189 -16.99 -11.06 -10.90
N ILE B 190 -17.27 -10.18 -9.94
CA ILE B 190 -16.22 -9.48 -9.20
C ILE B 190 -15.76 -10.35 -8.03
N MET B 191 -14.45 -10.45 -7.86
CA MET B 191 -13.85 -10.98 -6.65
C MET B 191 -13.38 -9.82 -5.79
N HIS B 192 -13.58 -9.94 -4.48
CA HIS B 192 -13.27 -8.83 -3.57
C HIS B 192 -11.78 -8.58 -3.49
N ARG B 193 -11.01 -9.59 -3.09
CA ARG B 193 -9.55 -9.60 -3.00
C ARG B 193 -9.01 -8.78 -1.83
N ASP B 194 -9.86 -8.14 -1.03
CA ASP B 194 -9.38 -7.36 0.10
C ASP B 194 -10.39 -7.41 1.24
N VAL B 195 -10.85 -8.61 1.59
CA VAL B 195 -11.74 -8.77 2.73
C VAL B 195 -10.94 -8.65 4.02
N LYS B 196 -11.33 -7.72 4.88
CA LYS B 196 -10.69 -7.49 6.16
C LYS B 196 -11.55 -6.52 6.96
N PRO B 197 -11.36 -6.45 8.28
CA PRO B 197 -12.26 -5.62 9.11
C PRO B 197 -12.36 -4.17 8.67
N SER B 198 -11.26 -3.57 8.18
CA SER B 198 -11.29 -2.17 7.78
C SER B 198 -12.14 -1.93 6.54
N ASN B 199 -12.49 -2.97 5.80
CA ASN B 199 -13.29 -2.83 4.58
C ASN B 199 -14.68 -3.40 4.74
N ILE B 200 -15.13 -3.66 5.96
CA ILE B 200 -16.51 -3.99 6.27
C ILE B 200 -17.07 -2.81 7.04
N LEU B 201 -18.03 -2.10 6.45
CA LEU B 201 -18.55 -0.86 7.01
C LEU B 201 -19.93 -1.09 7.60
N VAL B 202 -20.22 -0.35 8.67
CA VAL B 202 -21.48 -0.45 9.39
C VAL B 202 -22.02 0.95 9.61
N ASN B 203 -23.34 1.04 9.80
CA ASN B 203 -23.99 2.31 10.10
C ASN B 203 -24.98 2.14 11.23
N SER B 204 -25.44 3.27 11.76
CA SER B 204 -26.37 3.27 12.90
C SER B 204 -27.74 2.68 12.54
N ARG B 205 -28.03 2.47 11.26
CA ARG B 205 -29.26 1.77 10.86
C ARG B 205 -29.13 0.25 10.96
N GLY B 206 -27.94 -0.25 11.31
CA GLY B 206 -27.70 -1.68 11.39
C GLY B 206 -27.21 -2.33 10.12
N GLU B 207 -26.97 -1.56 9.07
CA GLU B 207 -26.48 -2.12 7.82
C GLU B 207 -25.02 -2.52 7.93
N ILE B 208 -24.67 -3.63 7.28
CA ILE B 208 -23.30 -4.12 7.23
C ILE B 208 -22.94 -4.32 5.77
N LYS B 209 -21.98 -3.54 5.27
CA LYS B 209 -21.71 -3.46 3.84
C LYS B 209 -20.23 -3.66 3.55
N LEU B 210 -19.95 -4.33 2.43
CA LEU B 210 -18.59 -4.50 1.95
C LEU B 210 -18.17 -3.29 1.13
N CYS B 211 -16.85 -3.05 1.11
CA CYS B 211 -16.29 -1.94 0.36
CA CYS B 211 -16.29 -1.94 0.34
C CYS B 211 -14.86 -2.28 -0.05
N ASP B 212 -14.29 -1.44 -0.90
CA ASP B 212 -12.91 -1.58 -1.36
C ASP B 212 -12.65 -2.93 -2.02
N PHE B 213 -13.59 -3.39 -2.82
CA PHE B 213 -13.41 -4.61 -3.58
C PHE B 213 -12.85 -4.31 -4.97
N GLY B 214 -12.34 -5.35 -5.62
CA GLY B 214 -11.61 -5.20 -6.87
C GLY B 214 -12.49 -5.06 -8.10
N VAL B 215 -13.22 -3.95 -8.21
CA VAL B 215 -14.01 -3.71 -9.42
C VAL B 215 -13.11 -3.29 -10.57
N SER B 216 -11.97 -2.68 -10.27
CA SER B 216 -11.02 -2.21 -11.28
C SER B 216 -9.72 -2.98 -11.11
N GLY B 217 -9.42 -3.88 -12.04
CA GLY B 217 -8.16 -4.61 -11.99
C GLY B 217 -6.96 -3.74 -12.19
N GLN B 218 -7.11 -2.65 -12.97
CA GLN B 218 -6.00 -1.72 -13.16
C GLN B 218 -5.65 -1.00 -11.88
N LEU B 219 -6.66 -0.75 -11.03
CA LEU B 219 -6.40 -0.07 -9.76
C LEU B 219 -5.66 -0.99 -8.79
N ILE B 220 -5.98 -2.29 -8.81
CA ILE B 220 -5.29 -3.25 -7.94
C ILE B 220 -3.81 -3.29 -8.29
N ASP B 221 -3.48 -3.39 -9.58
CA ASP B 221 -2.08 -3.47 -9.99
C ASP B 221 -1.36 -2.16 -9.74
N ALA B 222 -2.05 -1.02 -9.92
CA ALA B 222 -1.41 0.28 -9.72
C ALA B 222 -1.00 0.47 -8.26
N MET B 223 -1.86 0.07 -7.31
CA MET B 223 -1.51 0.19 -5.91
C MET B 223 -0.63 -0.94 -5.40
N ALA B 224 -0.58 -2.06 -6.12
CA ALA B 224 0.40 -3.09 -5.78
C ALA B 224 1.82 -2.58 -5.97
N ASN B 225 2.03 -1.72 -6.97
CA ASN B 225 3.35 -1.17 -7.25
C ASN B 225 3.73 -0.03 -6.32
N ALA B 226 2.77 0.59 -5.65
CA ALA B 226 2.99 1.89 -5.01
C ALA B 226 3.16 1.83 -3.50
N PHE B 227 2.42 0.99 -2.79
CA PHE B 227 2.38 1.02 -1.33
C PHE B 227 2.65 -0.38 -0.79
N VAL B 228 2.65 -0.47 0.55
CA VAL B 228 2.67 -1.76 1.26
C VAL B 228 1.95 -1.56 2.59
N GLY B 229 1.43 -2.67 3.13
CA GLY B 229 0.86 -2.69 4.45
C GLY B 229 1.78 -3.36 5.46
N THR B 230 1.29 -3.41 6.70
CA THR B 230 2.03 -4.06 7.77
C THR B 230 1.49 -5.43 8.14
N ARG B 231 0.22 -5.71 7.82
CA ARG B 231 -0.39 -7.02 7.99
C ARG B 231 -0.86 -7.54 6.63
N SER B 232 -1.51 -8.70 6.65
CA SER B 232 -2.06 -9.25 5.43
C SER B 232 -3.13 -10.28 5.77
N TYR B 233 -4.22 -10.26 5.01
CA TYR B 233 -5.28 -11.24 5.10
C TYR B 233 -5.32 -12.12 3.85
N MET B 234 -4.23 -12.15 3.10
CA MET B 234 -4.18 -12.90 1.85
C MET B 234 -4.11 -14.40 2.12
N SER B 235 -4.85 -15.16 1.31
CA SER B 235 -4.89 -16.60 1.46
C SER B 235 -3.53 -17.22 1.10
N PRO B 236 -3.22 -18.38 1.67
CA PRO B 236 -1.91 -18.99 1.39
C PRO B 236 -1.70 -19.39 -0.07
N GLU B 237 -2.78 -19.71 -0.81
CA GLU B 237 -2.59 -20.13 -2.19
C GLU B 237 -2.36 -18.95 -3.12
N ARG B 238 -2.97 -17.79 -2.84
CA ARG B 238 -2.71 -16.62 -3.66
C ARG B 238 -1.34 -16.03 -3.38
N LEU B 239 -0.83 -16.22 -2.16
CA LEU B 239 0.55 -15.84 -1.86
C LEU B 239 1.54 -16.61 -2.73
N GLN B 240 1.21 -17.84 -3.09
CA GLN B 240 2.07 -18.69 -3.90
C GLN B 240 1.73 -18.61 -5.39
N GLY B 241 0.83 -17.70 -5.78
CA GLY B 241 0.50 -17.51 -7.17
C GLY B 241 -0.60 -18.38 -7.71
N THR B 242 -1.36 -19.06 -6.85
CA THR B 242 -2.44 -19.93 -7.28
C THR B 242 -3.77 -19.19 -7.14
N HIS B 243 -4.60 -19.30 -8.18
CA HIS B 243 -5.85 -18.53 -8.27
C HIS B 243 -7.03 -19.48 -8.12
N TYR B 244 -7.77 -19.38 -7.02
CA TYR B 244 -8.93 -20.21 -6.79
C TYR B 244 -10.20 -19.39 -6.58
N SER B 245 -10.42 -18.40 -7.46
CA SER B 245 -11.65 -17.60 -7.50
C SER B 245 -11.90 -17.00 -6.12
N VAL B 246 -13.10 -17.16 -5.55
CA VAL B 246 -13.49 -16.45 -4.34
C VAL B 246 -13.10 -17.24 -3.10
N GLN B 247 -12.40 -18.37 -3.29
CA GLN B 247 -11.96 -19.15 -2.14
C GLN B 247 -11.00 -18.35 -1.27
N SER B 248 -10.23 -17.45 -1.86
CA SER B 248 -9.30 -16.62 -1.09
C SER B 248 -10.05 -15.59 -0.26
N ASP B 249 -11.14 -15.03 -0.80
CA ASP B 249 -11.95 -14.09 -0.03
C ASP B 249 -12.56 -14.76 1.19
N ILE B 250 -12.90 -16.05 1.08
CA ILE B 250 -13.45 -16.78 2.22
C ILE B 250 -12.40 -16.98 3.29
N TRP B 251 -11.16 -17.26 2.89
CA TRP B 251 -10.06 -17.31 3.85
C TRP B 251 -9.94 -15.99 4.59
N SER B 252 -9.98 -14.87 3.86
CA SER B 252 -9.84 -13.56 4.48
C SER B 252 -10.97 -13.29 5.47
N MET B 253 -12.18 -13.76 5.16
CA MET B 253 -13.31 -13.57 6.06
C MET B 253 -13.10 -14.31 7.37
N GLY B 254 -12.73 -15.60 7.29
CA GLY B 254 -12.50 -16.37 8.49
C GLY B 254 -11.37 -15.80 9.33
N LEU B 255 -10.32 -15.31 8.68
CA LEU B 255 -9.25 -14.63 9.41
C LEU B 255 -9.76 -13.39 10.10
N SER B 256 -10.63 -12.63 9.43
CA SER B 256 -11.20 -11.43 10.05
C SER B 256 -12.13 -11.79 11.19
N LEU B 257 -12.87 -12.91 11.06
CA LEU B 257 -13.78 -13.32 12.12
C LEU B 257 -13.01 -13.74 13.37
N VAL B 258 -11.85 -14.38 13.20
CA VAL B 258 -11.03 -14.74 14.35
C VAL B 258 -10.46 -13.49 15.01
N GLU B 259 -9.98 -12.54 14.21
CA GLU B 259 -9.43 -11.31 14.77
C GLU B 259 -10.48 -10.53 15.55
N MET B 260 -11.70 -10.44 15.02
CA MET B 260 -12.74 -9.68 15.70
C MET B 260 -13.29 -10.43 16.92
N ALA B 261 -13.19 -11.77 16.92
CA ALA B 261 -13.71 -12.54 18.05
C ALA B 261 -12.77 -12.46 19.25
N VAL B 262 -11.45 -12.55 19.01
CA VAL B 262 -10.49 -12.48 20.11
C VAL B 262 -9.95 -11.07 20.33
N GLY B 263 -10.24 -10.14 19.43
CA GLY B 263 -9.79 -8.77 19.59
C GLY B 263 -8.33 -8.55 19.26
N ARG B 264 -7.77 -9.33 18.34
CA ARG B 264 -6.34 -9.28 18.05
C ARG B 264 -6.09 -9.99 16.73
N TYR B 265 -5.25 -9.40 15.90
CA TYR B 265 -4.84 -10.01 14.64
C TYR B 265 -4.20 -11.37 14.92
N PRO B 266 -4.70 -12.45 14.34
CA PRO B 266 -4.35 -13.80 14.80
C PRO B 266 -3.09 -14.39 14.20
N ILE B 267 -2.27 -13.62 13.49
CA ILE B 267 -1.01 -14.12 12.95
C ILE B 267 0.12 -13.36 13.64
N PRO B 268 0.97 -14.02 14.44
CA PRO B 268 0.93 -15.43 14.82
C PRO B 268 -0.09 -15.72 15.92
N PRO B 269 -0.38 -16.99 16.18
CA PRO B 269 -1.39 -17.31 17.19
C PRO B 269 -0.98 -16.79 18.56
N PRO B 270 -1.94 -16.52 19.43
CA PRO B 270 -1.61 -16.03 20.78
C PRO B 270 -0.82 -17.06 21.56
N ASP B 271 0.09 -16.57 22.41
CA ASP B 271 1.06 -17.41 23.11
C ASP B 271 0.60 -17.66 24.54
N ALA B 272 -0.05 -18.81 24.75
CA ALA B 272 -0.35 -19.34 26.07
C ALA B 272 -1.11 -18.37 26.96
N LYS B 273 -0.43 -17.77 27.93
CA LYS B 273 -1.10 -16.91 28.90
C LYS B 273 -1.73 -15.69 28.24
N GLU B 274 -1.21 -15.27 27.08
CA GLU B 274 -1.84 -14.18 26.34
C GLU B 274 -3.29 -14.51 25.99
N LEU B 275 -3.58 -15.79 25.76
CA LEU B 275 -4.93 -16.18 25.35
C LEU B 275 -5.92 -16.12 26.51
N GLU B 276 -5.52 -16.55 27.69
CA GLU B 276 -6.44 -16.51 28.83
C GLU B 276 -6.67 -15.11 29.37
N LEU B 277 -5.95 -14.11 28.85
CA LEU B 277 -6.37 -12.73 28.99
C LEU B 277 -7.61 -12.51 28.13
N MET B 278 -8.71 -13.17 28.50
CA MET B 278 -9.87 -13.27 27.63
C MET B 278 -11.11 -12.67 28.31
N PRO B 311 5.26 -8.14 17.08
CA PRO B 311 5.69 -7.15 16.08
C PRO B 311 6.35 -7.81 14.88
N MET B 312 5.65 -8.75 14.25
CA MET B 312 6.19 -9.47 13.11
C MET B 312 6.14 -8.60 11.85
N ALA B 313 7.22 -8.63 11.09
CA ALA B 313 7.27 -7.89 9.84
C ALA B 313 6.37 -8.54 8.80
N ILE B 314 6.16 -7.83 7.68
CA ILE B 314 5.17 -8.25 6.70
C ILE B 314 5.57 -9.59 6.08
N PHE B 315 6.85 -9.77 5.77
CA PHE B 315 7.27 -11.02 5.14
C PHE B 315 7.13 -12.20 6.08
N GLU B 316 7.50 -12.04 7.34
CA GLU B 316 7.34 -13.12 8.31
C GLU B 316 5.88 -13.52 8.46
N LEU B 317 4.97 -12.54 8.44
CA LEU B 317 3.55 -12.84 8.48
C LEU B 317 3.13 -13.66 7.27
N LEU B 318 3.59 -13.25 6.08
CA LEU B 318 3.28 -14.00 4.87
C LEU B 318 3.88 -15.40 4.91
N ASP B 319 5.12 -15.51 5.35
CA ASP B 319 5.76 -16.83 5.48
C ASP B 319 5.00 -17.70 6.47
N TYR B 320 4.45 -17.10 7.52
CA TYR B 320 3.69 -17.86 8.50
C TYR B 320 2.38 -18.37 7.91
N ILE B 321 1.67 -17.52 7.15
CA ILE B 321 0.42 -17.94 6.53
C ILE B 321 0.65 -19.12 5.60
N VAL B 322 1.80 -19.15 4.93
CA VAL B 322 2.05 -20.18 3.92
C VAL B 322 2.49 -21.48 4.57
N ASN B 323 3.34 -21.42 5.58
CA ASN B 323 4.05 -22.60 6.07
C ASN B 323 3.57 -23.10 7.44
N GLU B 324 2.61 -22.44 8.07
CA GLU B 324 2.16 -22.83 9.40
C GLU B 324 0.68 -23.17 9.38
N PRO B 325 0.20 -23.95 10.35
CA PRO B 325 -1.22 -24.25 10.40
C PRO B 325 -2.03 -23.00 10.60
N PRO B 326 -3.24 -22.95 10.06
CA PRO B 326 -4.05 -21.73 10.14
C PRO B 326 -4.49 -21.46 11.57
N PRO B 327 -4.83 -20.22 11.89
CA PRO B 327 -5.31 -19.92 13.25
C PRO B 327 -6.68 -20.53 13.49
N LYS B 328 -7.10 -20.48 14.75
CA LYS B 328 -8.36 -21.07 15.16
C LYS B 328 -8.87 -20.36 16.39
N LEU B 329 -10.19 -20.42 16.59
CA LEU B 329 -10.80 -19.82 17.76
C LEU B 329 -10.39 -20.58 19.02
N PRO B 330 -10.33 -19.89 20.16
CA PRO B 330 -10.05 -20.59 21.42
C PRO B 330 -11.19 -21.53 21.78
N SER B 331 -10.83 -22.67 22.37
CA SER B 331 -11.83 -23.67 22.75
C SER B 331 -12.58 -23.22 23.98
N GLY B 332 -13.85 -23.60 24.06
CA GLY B 332 -14.59 -23.39 25.27
C GLY B 332 -15.38 -22.11 25.32
N VAL B 333 -14.77 -21.00 24.87
CA VAL B 333 -15.41 -19.69 24.96
C VAL B 333 -16.25 -19.34 23.75
N PHE B 334 -16.24 -20.17 22.71
CA PHE B 334 -17.07 -19.97 21.53
C PHE B 334 -17.80 -21.26 21.22
N SER B 335 -19.02 -21.14 20.68
CA SER B 335 -19.82 -22.30 20.39
C SER B 335 -19.14 -23.19 19.34
N LEU B 336 -19.47 -24.48 19.38
CA LEU B 336 -18.84 -25.43 18.48
C LEU B 336 -19.18 -25.13 17.03
N GLU B 337 -20.37 -24.61 16.76
CA GLU B 337 -20.75 -24.26 15.39
C GLU B 337 -19.90 -23.10 14.87
N PHE B 338 -19.65 -22.11 15.72
CA PHE B 338 -18.81 -20.98 15.32
C PHE B 338 -17.37 -21.43 15.09
N GLN B 339 -16.87 -22.33 15.94
CA GLN B 339 -15.52 -22.84 15.76
C GLN B 339 -15.41 -23.64 14.46
N ASP B 340 -16.42 -24.43 14.14
CA ASP B 340 -16.41 -25.19 12.89
C ASP B 340 -16.54 -24.27 11.68
N PHE B 341 -17.28 -23.16 11.82
CA PHE B 341 -17.48 -22.25 10.70
C PHE B 341 -16.15 -21.62 10.28
N VAL B 342 -15.37 -21.12 11.23
CA VAL B 342 -14.12 -20.47 10.89
C VAL B 342 -13.07 -21.50 10.48
N ASN B 343 -13.16 -22.73 10.99
CA ASN B 343 -12.24 -23.77 10.56
C ASN B 343 -12.45 -24.13 9.09
N LYS B 344 -13.71 -24.23 8.67
CA LYS B 344 -13.99 -24.48 7.26
C LYS B 344 -13.60 -23.28 6.39
N CYS B 345 -13.55 -22.08 6.97
CA CYS B 345 -13.09 -20.91 6.23
C CYS B 345 -11.58 -20.81 6.16
N LEU B 346 -10.86 -21.49 7.05
CA LEU B 346 -9.41 -21.32 7.16
C LEU B 346 -8.62 -22.56 6.74
N ILE B 347 -9.25 -23.52 6.08
CA ILE B 347 -8.51 -24.65 5.54
C ILE B 347 -7.54 -24.16 4.47
N LYS B 348 -6.26 -24.49 4.64
CA LYS B 348 -5.25 -23.97 3.73
C LYS B 348 -5.45 -24.50 2.31
N ASN B 349 -5.98 -25.70 2.17
CA ASN B 349 -6.33 -26.23 0.85
C ASN B 349 -7.51 -25.44 0.30
N PRO B 350 -7.35 -24.69 -0.79
CA PRO B 350 -8.47 -23.86 -1.27
C PRO B 350 -9.64 -24.66 -1.81
N ALA B 351 -9.42 -25.91 -2.21
CA ALA B 351 -10.52 -26.73 -2.70
C ALA B 351 -11.30 -27.38 -1.56
N GLU B 352 -10.60 -27.84 -0.53
CA GLU B 352 -11.28 -28.36 0.66
C GLU B 352 -11.95 -27.24 1.44
N ARG B 353 -11.47 -26.01 1.29
CA ARG B 353 -12.10 -24.86 1.92
C ARG B 353 -13.53 -24.74 1.44
N ALA B 354 -14.43 -24.42 2.37
CA ALA B 354 -15.84 -24.25 2.03
C ALA B 354 -16.01 -23.08 1.07
N ASP B 355 -17.02 -23.17 0.22
CA ASP B 355 -17.34 -22.10 -0.71
C ASP B 355 -18.59 -21.36 -0.23
N LEU B 356 -19.01 -20.37 -1.03
CA LEU B 356 -20.07 -19.46 -0.59
C LEU B 356 -21.39 -20.19 -0.36
N LYS B 357 -21.75 -21.12 -1.25
CA LYS B 357 -23.01 -21.84 -1.07
C LYS B 357 -22.96 -22.76 0.13
N GLN B 358 -21.81 -23.41 0.37
CA GLN B 358 -21.68 -24.30 1.51
C GLN B 358 -21.76 -23.52 2.83
N LEU B 359 -21.19 -22.31 2.86
CA LEU B 359 -21.18 -21.53 4.09
C LEU B 359 -22.58 -20.98 4.41
N MET B 360 -23.37 -20.68 3.38
CA MET B 360 -24.68 -20.07 3.63
C MET B 360 -25.65 -21.02 4.31
N VAL B 361 -25.41 -22.32 4.25
CA VAL B 361 -26.24 -23.32 4.92
C VAL B 361 -25.52 -23.98 6.08
N HIS B 362 -24.38 -23.42 6.50
CA HIS B 362 -23.67 -23.94 7.66
C HIS B 362 -24.52 -23.77 8.92
N ALA B 363 -24.25 -24.62 9.92
CA ALA B 363 -25.03 -24.58 11.15
C ALA B 363 -24.91 -23.22 11.84
N PHE B 364 -23.73 -22.60 11.77
CA PHE B 364 -23.54 -21.30 12.42
C PHE B 364 -24.34 -20.21 11.73
N ILE B 365 -24.45 -20.27 10.40
CA ILE B 365 -25.18 -19.25 9.67
C ILE B 365 -26.68 -19.43 9.85
N LYS B 366 -27.16 -20.67 9.77
CA LYS B 366 -28.59 -20.93 9.95
C LYS B 366 -29.05 -20.53 11.34
N ARG B 367 -28.19 -20.71 12.35
CA ARG B 367 -28.54 -20.31 13.71
C ARG B 367 -28.54 -18.78 13.85
N SER B 368 -27.52 -18.12 13.30
CA SER B 368 -27.43 -16.67 13.39
C SER B 368 -28.51 -15.99 12.55
N ASP B 369 -28.88 -16.58 11.42
CA ASP B 369 -29.95 -16.00 10.61
C ASP B 369 -31.28 -16.03 11.33
N ALA B 370 -31.45 -16.96 12.28
CA ALA B 370 -32.67 -17.05 13.05
C ALA B 370 -32.63 -16.20 14.32
N GLU B 371 -31.45 -15.97 14.88
CA GLU B 371 -31.33 -15.18 16.09
C GLU B 371 -31.78 -13.74 15.84
N GLU B 372 -32.44 -13.16 16.85
CA GLU B 372 -32.84 -11.75 16.83
C GLU B 372 -31.79 -10.96 17.61
N VAL B 373 -30.99 -10.18 16.89
CA VAL B 373 -29.89 -9.42 17.48
C VAL B 373 -30.05 -7.96 17.10
N ASP B 374 -30.16 -7.10 18.11
CA ASP B 374 -30.28 -5.65 17.90
C ASP B 374 -28.90 -5.10 17.56
N PHE B 375 -28.48 -5.34 16.32
CA PHE B 375 -27.14 -4.95 15.90
C PHE B 375 -26.98 -3.44 15.92
N ALA B 376 -27.97 -2.71 15.40
CA ALA B 376 -27.91 -1.26 15.42
C ALA B 376 -27.82 -0.73 16.85
N GLY B 377 -28.57 -1.33 17.77
CA GLY B 377 -28.47 -0.93 19.16
C GLY B 377 -27.13 -1.24 19.77
N TRP B 378 -26.58 -2.41 19.47
CA TRP B 378 -25.26 -2.77 19.99
C TRP B 378 -24.17 -1.87 19.41
N LEU B 379 -24.29 -1.50 18.13
CA LEU B 379 -23.25 -0.71 17.48
C LEU B 379 -23.17 0.68 18.07
N CYS B 380 -24.31 1.38 18.16
CA CYS B 380 -24.31 2.73 18.72
C CYS B 380 -23.89 2.71 20.18
N SER B 381 -24.27 1.65 20.91
CA SER B 381 -23.82 1.50 22.29
C SER B 381 -22.32 1.34 22.37
N THR B 382 -21.75 0.53 21.48
CA THR B 382 -20.30 0.32 21.47
C THR B 382 -19.54 1.58 21.06
N ILE B 383 -20.09 2.35 20.14
CA ILE B 383 -19.41 3.56 19.66
C ILE B 383 -19.65 4.75 20.59
N GLY B 384 -20.82 4.83 21.23
CA GLY B 384 -21.17 5.97 22.05
C GLY B 384 -22.24 6.85 21.44
N LEU B 385 -22.80 6.47 20.29
CA LEU B 385 -23.85 7.24 19.65
C LEU B 385 -25.19 7.00 20.33
N ASN B 386 -26.24 7.63 19.79
CA ASN B 386 -27.58 7.50 20.32
C ASN B 386 -28.42 6.66 19.37
N GLN B 387 -28.77 5.46 19.81
CA GLN B 387 -29.70 4.52 19.16
C GLN B 387 -29.76 4.63 17.64
#